data_1TLT
#
_entry.id   1TLT
#
_cell.length_a   96.856
_cell.length_b   96.856
_cell.length_c   380.817
_cell.angle_alpha   90.00
_cell.angle_beta   90.00
_cell.angle_gamma   120.00
#
_symmetry.space_group_name_H-M   'P 61 2 2'
#
loop_
_entity.id
_entity.type
_entity.pdbx_description
1 polymer 'PUTATIVE OXIDOREDUCTASE (VIRULENCE FACTOR mviM HOMOLOG)'
2 non-polymer 'SULFATE ION'
3 water water
#
_entity_poly.entity_id   1
_entity_poly.type   'polypeptide(L)'
_entity_poly.pdbx_seq_one_letter_code
;MSLKKLRIGVVGLGGIAQKAWLPVLAAASDWTLQGAWSPTRAKALPICESWRIPYADSLSSLAASCDAVFVHSSTASHFD
VVSTLLNAGVHVCVDKPLAENLRDAERLVELAARKKLTLMVGFNRRFAPLYGELKTQLATAASLRMDKHRSNSVGPHDLY
FTLLDDYLHVVDTALWLSGGKASLDGGTLLTNDAGEMLFAEHHFSAGPLQITTCMHRRAGSQRETVQAVTDGALIDITDM
REWREERGQGVVHKPIPGWQSTLEQRGFVGCARHFIECVQNQTVPQTAGEQAVLAQRIVDKIWRDAMSEEGGSHHHHHH
;
_entity_poly.pdbx_strand_id   A,B
#
loop_
_chem_comp.id
_chem_comp.type
_chem_comp.name
_chem_comp.formula
SO4 non-polymer 'SULFATE ION' 'O4 S -2'
#
# COMPACT_ATOMS: atom_id res chain seq x y z
N LYS A 5 19.39 33.71 -23.80
CA LYS A 5 18.76 32.64 -24.62
C LYS A 5 19.72 31.55 -25.08
N LEU A 6 19.86 30.50 -24.29
CA LEU A 6 20.73 29.41 -24.64
C LEU A 6 20.21 28.69 -25.87
N ARG A 7 21.06 27.88 -26.50
CA ARG A 7 20.71 27.10 -27.67
C ARG A 7 20.47 25.67 -27.17
N ILE A 8 19.27 25.17 -27.38
CA ILE A 8 18.93 23.83 -26.89
C ILE A 8 19.01 22.76 -27.99
N GLY A 9 19.61 21.63 -27.65
CA GLY A 9 19.72 20.56 -28.59
C GLY A 9 19.09 19.33 -28.00
N VAL A 10 18.60 18.45 -28.86
CA VAL A 10 17.96 17.22 -28.43
C VAL A 10 18.63 15.97 -29.01
N VAL A 11 18.66 14.91 -28.20
CA VAL A 11 19.23 13.65 -28.62
C VAL A 11 18.27 12.47 -28.37
N GLY A 12 17.83 11.86 -29.46
CA GLY A 12 16.93 10.72 -29.40
C GLY A 12 15.51 11.12 -29.75
N LEU A 13 15.06 10.86 -30.97
CA LEU A 13 13.70 11.24 -31.35
C LEU A 13 12.69 10.11 -31.21
N GLY A 14 12.97 9.19 -30.29
CA GLY A 14 12.08 8.07 -30.08
C GLY A 14 10.96 8.30 -29.10
N GLY A 15 9.75 7.93 -29.55
CA GLY A 15 8.54 8.03 -28.76
C GLY A 15 8.37 9.14 -27.74
N ILE A 16 8.89 8.91 -26.53
CA ILE A 16 8.78 9.89 -25.45
C ILE A 16 9.30 11.25 -25.91
N ALA A 17 10.41 11.26 -26.62
CA ALA A 17 10.98 12.50 -27.12
C ALA A 17 9.92 13.37 -27.80
N GLN A 18 9.24 12.78 -28.78
CA GLN A 18 8.21 13.46 -29.58
C GLN A 18 6.91 13.70 -28.83
N LYS A 19 6.68 12.94 -27.77
CA LYS A 19 5.46 13.05 -27.02
C LYS A 19 5.61 13.94 -25.80
N ALA A 20 6.80 13.95 -25.23
CA ALA A 20 7.02 14.72 -24.01
C ALA A 20 7.99 15.88 -24.17
N TRP A 21 9.26 15.55 -24.26
CA TRP A 21 10.27 16.59 -24.37
C TRP A 21 10.12 17.55 -25.54
N LEU A 22 10.11 17.07 -26.78
CA LEU A 22 10.01 18.00 -27.91
C LEU A 22 8.94 19.07 -27.79
N PRO A 23 7.70 18.68 -27.42
CA PRO A 23 6.62 19.66 -27.29
C PRO A 23 6.93 20.69 -26.20
N VAL A 24 7.86 20.34 -25.32
CA VAL A 24 8.26 21.24 -24.23
C VAL A 24 9.39 22.18 -24.64
N LEU A 25 10.27 21.67 -25.51
CA LEU A 25 11.44 22.39 -25.98
C LEU A 25 11.20 23.16 -27.29
N ALA A 26 9.96 23.16 -27.79
CA ALA A 26 9.65 23.87 -29.02
C ALA A 26 9.00 25.22 -28.69
N ALA A 27 8.00 25.22 -27.82
CA ALA A 27 7.29 26.45 -27.39
C ALA A 27 8.12 27.12 -26.29
N ALA A 28 9.14 27.86 -26.70
CA ALA A 28 10.01 28.48 -25.74
C ALA A 28 10.24 29.94 -26.01
N SER A 29 10.23 30.74 -24.96
CA SER A 29 10.46 32.16 -25.09
C SER A 29 11.81 32.52 -24.50
N ASP A 30 12.37 31.60 -23.73
CA ASP A 30 13.64 31.86 -23.06
C ASP A 30 14.83 31.11 -23.69
N TRP A 31 14.55 30.25 -24.66
CA TRP A 31 15.60 29.48 -25.32
C TRP A 31 15.13 29.13 -26.71
N THR A 32 16.00 28.48 -27.49
CA THR A 32 15.67 28.07 -28.84
C THR A 32 16.22 26.70 -29.17
N LEU A 33 15.42 25.92 -29.88
CA LEU A 33 15.81 24.57 -30.28
C LEU A 33 16.65 24.72 -31.57
N GLN A 34 17.90 24.27 -31.55
CA GLN A 34 18.79 24.43 -32.70
C GLN A 34 19.26 23.16 -33.42
N GLY A 35 18.68 22.02 -33.05
CA GLY A 35 19.11 20.78 -33.67
C GLY A 35 18.64 19.51 -32.99
N ALA A 36 19.01 18.38 -33.59
CA ALA A 36 18.60 17.08 -33.07
C ALA A 36 19.47 15.96 -33.63
N TRP A 37 19.48 14.82 -32.96
CA TRP A 37 20.26 13.71 -33.44
C TRP A 37 19.93 12.37 -32.82
N SER A 38 19.67 11.38 -33.67
CA SER A 38 19.35 10.03 -33.21
C SER A 38 20.43 9.07 -33.68
N PRO A 39 20.71 8.03 -32.89
CA PRO A 39 21.76 7.10 -33.32
C PRO A 39 21.30 6.26 -34.51
N THR A 40 20.04 6.43 -34.93
CA THR A 40 19.51 5.63 -36.04
C THR A 40 19.52 6.37 -37.39
N ARG A 41 19.33 7.69 -37.34
CA ARG A 41 19.30 8.56 -38.53
C ARG A 41 18.14 8.16 -39.47
N ALA A 42 17.48 7.06 -39.13
CA ALA A 42 16.33 6.53 -39.88
C ALA A 42 15.06 7.30 -39.46
N LYS A 43 14.32 7.81 -40.45
CA LYS A 43 13.09 8.58 -40.24
C LYS A 43 13.41 9.87 -39.41
N ALA A 44 14.64 9.94 -38.91
CA ALA A 44 15.15 11.07 -38.13
C ALA A 44 14.97 12.37 -38.93
N LEU A 45 15.34 12.36 -40.22
CA LEU A 45 15.19 13.57 -41.02
C LEU A 45 13.74 14.02 -41.13
N PRO A 46 12.80 13.07 -41.40
CA PRO A 46 11.38 13.45 -41.51
C PRO A 46 10.85 13.97 -40.18
N ILE A 47 11.31 13.37 -39.09
CA ILE A 47 10.86 13.81 -37.77
C ILE A 47 11.29 15.25 -37.52
N CYS A 48 12.59 15.50 -37.66
CA CYS A 48 13.16 16.83 -37.47
C CYS A 48 12.45 17.88 -38.34
N GLU A 49 12.10 17.51 -39.58
CA GLU A 49 11.42 18.46 -40.44
C GLU A 49 10.07 18.78 -39.83
N SER A 50 9.44 17.75 -39.28
CA SER A 50 8.11 17.86 -38.64
C SER A 50 8.16 18.95 -37.56
N TRP A 51 9.30 19.04 -36.89
CA TRP A 51 9.49 20.04 -35.84
C TRP A 51 10.34 21.23 -36.28
N ARG A 52 10.74 21.25 -37.56
CA ARG A 52 11.57 22.34 -38.09
C ARG A 52 12.85 22.39 -37.29
N ILE A 53 13.48 21.23 -37.15
CA ILE A 53 14.70 21.11 -36.38
C ILE A 53 15.89 20.62 -37.20
N PRO A 54 16.84 21.53 -37.47
CA PRO A 54 18.02 21.18 -38.25
C PRO A 54 18.62 19.87 -37.75
N TYR A 55 18.53 18.82 -38.56
CA TYR A 55 19.09 17.52 -38.17
C TYR A 55 20.62 17.54 -38.15
N ALA A 56 21.20 16.97 -37.09
CA ALA A 56 22.65 16.89 -36.95
C ALA A 56 23.10 15.47 -37.27
N ASP A 57 23.98 15.33 -38.27
CA ASP A 57 24.47 14.01 -38.65
C ASP A 57 25.36 13.43 -37.59
N SER A 58 25.92 14.29 -36.75
CA SER A 58 26.81 13.82 -35.68
C SER A 58 26.59 14.53 -34.36
N LEU A 59 27.05 13.89 -33.29
CA LEU A 59 26.92 14.52 -32.01
C LEU A 59 27.78 15.77 -32.02
N SER A 60 29.07 15.61 -32.29
CA SER A 60 30.01 16.75 -32.30
C SER A 60 29.56 17.86 -33.24
N SER A 61 28.57 17.57 -34.09
CA SER A 61 28.02 18.55 -34.99
C SER A 61 26.90 19.23 -34.21
N LEU A 62 26.05 18.43 -33.56
CA LEU A 62 24.94 18.99 -32.78
C LEU A 62 25.50 19.81 -31.61
N ALA A 63 26.58 19.31 -31.02
CA ALA A 63 27.24 19.96 -29.90
C ALA A 63 27.89 21.27 -30.29
N ALA A 64 28.60 21.24 -31.42
CA ALA A 64 29.30 22.42 -31.92
C ALA A 64 28.33 23.55 -32.19
N SER A 65 27.02 23.24 -32.20
CA SER A 65 26.00 24.25 -32.46
C SER A 65 24.98 24.45 -31.33
N CYS A 66 25.27 23.92 -30.14
CA CYS A 66 24.37 24.08 -29.00
C CYS A 66 25.07 24.53 -27.76
N ASP A 67 24.26 24.81 -26.73
CA ASP A 67 24.78 25.23 -25.44
C ASP A 67 24.38 24.20 -24.43
N ALA A 68 23.19 23.64 -24.58
CA ALA A 68 22.71 22.63 -23.65
C ALA A 68 21.93 21.58 -24.42
N VAL A 69 22.14 20.31 -24.06
CA VAL A 69 21.47 19.20 -24.74
C VAL A 69 20.70 18.24 -23.83
N PHE A 70 19.46 17.95 -24.20
CA PHE A 70 18.60 17.00 -23.48
C PHE A 70 18.77 15.64 -24.12
N VAL A 71 19.40 14.71 -23.43
CA VAL A 71 19.64 13.36 -23.96
C VAL A 71 18.57 12.34 -23.57
N HIS A 72 18.07 11.60 -24.55
CA HIS A 72 17.05 10.59 -24.32
C HIS A 72 17.13 9.48 -25.36
N SER A 73 18.09 8.56 -25.17
CA SER A 73 18.29 7.46 -26.11
C SER A 73 18.66 6.19 -25.35
N SER A 74 18.67 5.05 -26.03
CA SER A 74 19.00 3.77 -25.38
C SER A 74 19.94 3.97 -24.17
N THR A 75 19.50 3.53 -22.99
CA THR A 75 20.29 3.67 -21.75
C THR A 75 21.78 3.31 -21.93
N ALA A 76 22.08 2.36 -22.83
CA ALA A 76 23.46 1.95 -23.06
C ALA A 76 24.32 3.06 -23.70
N SER A 77 23.80 3.66 -24.76
CA SER A 77 24.54 4.71 -25.43
C SER A 77 24.67 6.00 -24.57
N HIS A 78 24.01 6.05 -23.41
CA HIS A 78 24.10 7.25 -22.55
C HIS A 78 25.53 7.66 -22.22
N PHE A 79 26.30 6.75 -21.63
CA PHE A 79 27.67 7.09 -21.28
C PHE A 79 28.41 7.70 -22.45
N ASP A 80 28.57 6.93 -23.54
CA ASP A 80 29.26 7.44 -24.72
C ASP A 80 28.77 8.80 -25.21
N VAL A 81 27.47 9.05 -25.10
CA VAL A 81 26.92 10.32 -25.56
C VAL A 81 27.20 11.45 -24.59
N VAL A 82 26.96 11.19 -23.30
CA VAL A 82 27.15 12.19 -22.28
C VAL A 82 28.64 12.62 -22.18
N SER A 83 29.55 11.65 -22.04
CA SER A 83 30.97 11.98 -21.93
C SER A 83 31.41 12.81 -23.13
N THR A 84 30.94 12.44 -24.32
CA THR A 84 31.30 13.19 -25.51
C THR A 84 30.73 14.59 -25.38
N LEU A 85 29.41 14.69 -25.16
CA LEU A 85 28.77 16.00 -25.03
C LEU A 85 29.42 16.86 -23.96
N LEU A 86 29.91 16.23 -22.90
CA LEU A 86 30.55 16.96 -21.82
C LEU A 86 31.96 17.40 -22.21
N ASN A 87 32.58 16.67 -23.14
CA ASN A 87 33.92 17.03 -23.60
C ASN A 87 33.86 18.18 -24.58
N ALA A 88 32.64 18.50 -25.02
CA ALA A 88 32.45 19.57 -25.97
C ALA A 88 31.86 20.80 -25.31
N GLY A 89 32.06 20.93 -24.00
CA GLY A 89 31.54 22.08 -23.27
C GLY A 89 30.05 22.35 -23.43
N VAL A 90 29.24 21.30 -23.31
CA VAL A 90 27.79 21.41 -23.46
C VAL A 90 27.07 20.86 -22.22
N HIS A 91 26.24 21.68 -21.60
CA HIS A 91 25.50 21.25 -20.44
C HIS A 91 24.50 20.19 -20.88
N VAL A 92 24.37 19.12 -20.12
CA VAL A 92 23.43 18.10 -20.52
C VAL A 92 22.44 17.65 -19.47
N CYS A 93 21.25 17.31 -19.93
CA CYS A 93 20.19 16.80 -19.07
C CYS A 93 19.91 15.38 -19.58
N VAL A 94 20.45 14.39 -18.88
CA VAL A 94 20.30 12.98 -19.23
C VAL A 94 18.94 12.46 -18.83
N ASP A 95 18.56 11.34 -19.44
CA ASP A 95 17.27 10.73 -19.16
C ASP A 95 17.41 9.57 -18.18
N LYS A 96 16.73 9.69 -17.05
CA LYS A 96 16.75 8.68 -15.98
C LYS A 96 18.11 8.00 -15.76
N PRO A 97 18.35 6.77 -16.26
CA PRO A 97 19.69 6.28 -15.91
C PRO A 97 20.84 7.15 -16.46
N LEU A 98 21.56 7.83 -15.56
CA LEU A 98 22.67 8.65 -16.00
C LEU A 98 23.49 7.82 -16.99
N ALA A 99 23.84 6.61 -16.55
CA ALA A 99 24.60 5.66 -17.36
C ALA A 99 24.16 4.25 -17.01
N GLU A 100 24.41 3.32 -17.93
CA GLU A 100 24.04 1.93 -17.71
C GLU A 100 24.73 1.29 -16.52
N ASN A 101 26.00 1.58 -16.31
CA ASN A 101 26.75 1.04 -15.17
C ASN A 101 26.96 2.13 -14.12
N LEU A 102 26.91 1.73 -12.86
CA LEU A 102 27.08 2.67 -11.76
C LEU A 102 28.39 3.47 -11.81
N ARG A 103 29.54 2.80 -11.87
CA ARG A 103 30.82 3.53 -11.91
C ARG A 103 30.80 4.54 -13.06
N ASP A 104 30.27 4.13 -14.21
CA ASP A 104 30.20 5.01 -15.36
C ASP A 104 29.46 6.29 -15.03
N ALA A 105 28.33 6.13 -14.36
CA ALA A 105 27.48 7.25 -13.98
C ALA A 105 28.29 8.25 -13.18
N GLU A 106 29.03 7.75 -12.21
CA GLU A 106 29.86 8.58 -11.36
C GLU A 106 30.96 9.24 -12.17
N ARG A 107 31.52 8.48 -13.12
CA ARG A 107 32.57 8.98 -14.00
C ARG A 107 32.07 10.30 -14.65
N LEU A 108 30.88 10.25 -15.26
CA LEU A 108 30.28 11.40 -15.91
C LEU A 108 30.07 12.55 -14.94
N VAL A 109 29.61 12.25 -13.74
CA VAL A 109 29.37 13.28 -12.74
C VAL A 109 30.68 13.99 -12.46
N GLU A 110 31.74 13.23 -12.23
CA GLU A 110 33.04 13.80 -11.97
C GLU A 110 33.49 14.62 -13.17
N LEU A 111 33.38 14.02 -14.35
CA LEU A 111 33.78 14.69 -15.56
C LEU A 111 33.08 16.03 -15.73
N ALA A 112 31.89 16.15 -15.15
CA ALA A 112 31.13 17.38 -15.27
C ALA A 112 31.62 18.39 -14.25
N ALA A 113 32.03 17.91 -13.09
CA ALA A 113 32.50 18.82 -12.05
C ALA A 113 33.81 19.47 -12.50
N ARG A 114 34.74 18.67 -13.01
CA ARG A 114 36.01 19.20 -13.48
C ARG A 114 35.72 20.21 -14.61
N LYS A 115 35.06 19.74 -15.65
CA LYS A 115 34.69 20.54 -16.81
C LYS A 115 33.83 21.78 -16.45
N LYS A 116 33.38 21.85 -15.21
CA LYS A 116 32.54 22.95 -14.75
C LYS A 116 31.26 23.13 -15.59
N LEU A 117 30.56 22.02 -15.83
CA LEU A 117 29.31 22.01 -16.60
C LEU A 117 28.12 21.55 -15.74
N THR A 118 26.92 21.84 -16.20
CA THR A 118 25.73 21.45 -15.46
C THR A 118 25.19 20.11 -15.96
N LEU A 119 25.39 19.07 -15.17
CA LEU A 119 24.94 17.75 -15.55
C LEU A 119 23.88 17.24 -14.58
N MET A 120 22.64 17.11 -15.06
CA MET A 120 21.60 16.61 -14.20
C MET A 120 20.82 15.50 -14.87
N VAL A 121 20.13 14.70 -14.07
CA VAL A 121 19.32 13.61 -14.56
C VAL A 121 17.89 14.11 -14.66
N GLY A 122 17.21 13.79 -15.76
CA GLY A 122 15.85 14.24 -15.92
C GLY A 122 14.80 13.44 -15.17
N PHE A 123 14.66 13.68 -13.87
CA PHE A 123 13.65 12.96 -13.08
C PHE A 123 12.37 13.76 -13.02
N ASN A 124 11.70 13.85 -14.15
CA ASN A 124 10.46 14.58 -14.26
C ASN A 124 9.51 14.46 -13.06
N ARG A 125 9.43 13.31 -12.41
CA ARG A 125 8.52 13.20 -11.30
C ARG A 125 8.83 14.11 -10.12
N ARG A 126 10.08 14.51 -9.97
CA ARG A 126 10.48 15.40 -8.87
C ARG A 126 9.97 16.83 -9.09
N PHE A 127 9.47 17.09 -10.30
CA PHE A 127 8.95 18.40 -10.66
C PHE A 127 7.46 18.40 -10.93
N ALA A 128 6.80 17.31 -10.56
CA ALA A 128 5.36 17.23 -10.75
C ALA A 128 4.72 18.04 -9.61
N PRO A 129 3.89 19.04 -9.94
CA PRO A 129 3.21 19.90 -8.98
C PRO A 129 2.65 19.15 -7.79
N LEU A 130 1.84 18.14 -8.06
CA LEU A 130 1.25 17.34 -6.99
C LEU A 130 2.28 16.59 -6.13
N TYR A 131 3.35 16.07 -6.70
CA TYR A 131 4.36 15.35 -5.90
C TYR A 131 5.15 16.29 -5.00
N GLY A 132 5.49 17.46 -5.52
CA GLY A 132 6.24 18.44 -4.76
C GLY A 132 5.35 19.04 -3.69
N GLU A 133 4.07 19.08 -4.02
CA GLU A 133 3.03 19.57 -3.13
C GLU A 133 2.92 18.59 -1.97
N LEU A 134 2.97 17.30 -2.29
CA LEU A 134 2.86 16.28 -1.27
C LEU A 134 4.10 16.24 -0.40
N LYS A 135 5.27 16.46 -0.99
CA LYS A 135 6.49 16.42 -0.20
C LYS A 135 6.48 17.41 0.98
N THR A 136 5.61 18.41 0.93
CA THR A 136 5.55 19.39 1.99
C THR A 136 4.55 19.04 3.11
N GLN A 137 3.81 17.95 2.94
CA GLN A 137 2.81 17.50 3.92
C GLN A 137 3.22 16.25 4.69
N LEU A 138 4.34 15.64 4.30
CA LEU A 138 4.81 14.42 4.92
C LEU A 138 5.70 14.62 6.14
N ALA A 139 5.63 15.82 6.72
CA ALA A 139 6.44 16.12 7.91
C ALA A 139 6.12 15.12 9.01
N THR A 140 4.85 14.76 9.11
CA THR A 140 4.40 13.80 10.12
C THR A 140 3.99 12.46 9.50
N ALA A 141 4.52 12.15 8.33
CA ALA A 141 4.16 10.90 7.66
C ALA A 141 4.66 9.65 8.37
N ALA A 142 3.86 8.59 8.27
CA ALA A 142 4.21 7.32 8.90
C ALA A 142 4.29 6.22 7.86
N SER A 143 3.45 6.30 6.84
CA SER A 143 3.45 5.28 5.79
C SER A 143 3.41 5.96 4.44
N LEU A 144 4.19 5.44 3.49
CA LEU A 144 4.25 6.01 2.16
C LEU A 144 4.45 4.89 1.15
N ARG A 145 3.50 4.73 0.24
CA ARG A 145 3.58 3.68 -0.76
C ARG A 145 3.40 4.24 -2.16
N MET A 146 4.30 3.87 -3.07
CA MET A 146 4.17 4.32 -4.45
C MET A 146 3.99 3.09 -5.32
N ASP A 147 2.95 3.11 -6.15
CA ASP A 147 2.61 2.00 -7.05
C ASP A 147 2.62 2.39 -8.51
N LYS A 148 3.33 1.63 -9.34
CA LYS A 148 3.36 1.95 -10.76
C LYS A 148 3.24 0.62 -11.53
N HIS A 149 2.13 0.43 -12.23
CA HIS A 149 1.93 -0.80 -12.94
C HIS A 149 1.71 -0.70 -14.44
N ARG A 150 1.71 -1.86 -15.10
CA ARG A 150 1.46 -1.95 -16.54
C ARG A 150 0.39 -3.02 -16.71
N SER A 151 -0.46 -2.89 -17.73
CA SER A 151 -1.50 -3.90 -17.96
C SER A 151 -0.94 -5.22 -18.45
N ASN A 152 0.07 -5.15 -19.30
CA ASN A 152 0.67 -6.35 -19.83
C ASN A 152 1.90 -5.96 -20.58
N SER A 153 2.93 -5.59 -19.85
CA SER A 153 4.16 -5.15 -20.46
C SER A 153 5.36 -5.91 -19.95
N VAL A 154 5.49 -7.16 -20.37
CA VAL A 154 6.62 -7.96 -19.97
C VAL A 154 7.57 -7.88 -21.18
N GLY A 155 7.65 -6.65 -21.71
CA GLY A 155 8.48 -6.32 -22.87
C GLY A 155 9.78 -7.07 -22.97
N PRO A 156 10.33 -7.18 -24.19
CA PRO A 156 11.58 -7.85 -24.57
C PRO A 156 12.75 -7.68 -23.61
N HIS A 157 13.00 -6.46 -23.18
CA HIS A 157 14.13 -6.21 -22.29
C HIS A 157 14.08 -7.01 -21.00
N ASP A 158 15.25 -7.30 -20.44
CA ASP A 158 15.29 -8.08 -19.20
C ASP A 158 15.11 -7.27 -17.92
N LEU A 159 15.25 -7.97 -16.81
CA LEU A 159 15.08 -7.40 -15.50
C LEU A 159 15.95 -6.18 -15.26
N TYR A 160 17.19 -6.25 -15.72
CA TYR A 160 18.14 -5.17 -15.54
C TYR A 160 17.72 -3.89 -16.25
N PHE A 161 17.19 -4.02 -17.46
CA PHE A 161 16.77 -2.83 -18.17
C PHE A 161 15.57 -2.19 -17.49
N THR A 162 14.62 -3.02 -17.08
CA THR A 162 13.39 -2.58 -16.44
C THR A 162 13.59 -1.91 -15.09
N LEU A 163 14.56 -2.41 -14.33
CA LEU A 163 14.86 -1.84 -13.03
C LEU A 163 15.40 -0.43 -13.17
N LEU A 164 16.19 -0.23 -14.22
CA LEU A 164 16.81 1.05 -14.50
C LEU A 164 16.00 1.98 -15.33
N ASP A 165 15.12 1.43 -16.15
CA ASP A 165 14.32 2.25 -17.02
C ASP A 165 12.90 2.51 -16.49
N ASP A 166 12.48 1.84 -15.43
CA ASP A 166 11.11 2.07 -14.94
C ASP A 166 10.98 1.99 -13.44
N TYR A 167 11.52 0.94 -12.84
CA TYR A 167 11.41 0.83 -11.40
C TYR A 167 12.22 1.91 -10.68
N LEU A 168 13.19 2.48 -11.38
CA LEU A 168 14.03 3.53 -10.82
C LEU A 168 13.17 4.74 -10.45
N HIS A 169 12.16 4.99 -11.27
CA HIS A 169 11.23 6.09 -11.10
C HIS A 169 10.58 6.00 -9.74
N VAL A 170 10.10 4.81 -9.41
CA VAL A 170 9.42 4.64 -8.16
C VAL A 170 10.39 4.78 -7.01
N VAL A 171 11.53 4.11 -7.11
CA VAL A 171 12.53 4.16 -6.05
C VAL A 171 13.08 5.58 -5.82
N ASP A 172 13.27 6.35 -6.88
CA ASP A 172 13.80 7.68 -6.72
C ASP A 172 12.75 8.63 -6.18
N THR A 173 11.52 8.52 -6.69
CA THR A 173 10.47 9.40 -6.25
C THR A 173 10.12 9.21 -4.79
N ALA A 174 9.99 7.95 -4.39
CA ALA A 174 9.66 7.59 -3.04
C ALA A 174 10.69 8.09 -2.03
N LEU A 175 11.97 7.92 -2.37
CA LEU A 175 13.07 8.33 -1.51
C LEU A 175 13.13 9.85 -1.44
N TRP A 176 12.85 10.49 -2.55
CA TRP A 176 12.87 11.93 -2.59
C TRP A 176 11.74 12.47 -1.74
N LEU A 177 10.54 11.92 -1.91
CA LEU A 177 9.39 12.36 -1.13
C LEU A 177 9.52 12.15 0.38
N SER A 178 10.31 11.17 0.78
CA SER A 178 10.47 10.91 2.20
C SER A 178 11.82 11.34 2.76
N GLY A 179 12.13 12.63 2.67
CA GLY A 179 13.41 13.09 3.17
C GLY A 179 14.54 12.73 2.23
N GLY A 180 14.93 11.46 2.22
CA GLY A 180 16.00 11.00 1.35
C GLY A 180 17.04 10.21 2.12
N LYS A 181 16.69 9.79 3.34
CA LYS A 181 17.61 9.04 4.19
C LYS A 181 16.99 7.70 4.61
N ALA A 182 16.37 7.00 3.67
CA ALA A 182 15.78 5.72 4.00
C ALA A 182 16.77 4.59 3.78
N SER A 183 16.44 3.42 4.33
CA SER A 183 17.29 2.24 4.20
C SER A 183 16.47 1.07 3.71
N LEU A 184 17.06 0.25 2.85
CA LEU A 184 16.41 -0.93 2.28
C LEU A 184 16.21 -2.01 3.32
N ASP A 185 14.97 -2.44 3.54
CA ASP A 185 14.74 -3.47 4.53
C ASP A 185 14.44 -4.84 3.96
N GLY A 186 13.93 -4.90 2.75
CA GLY A 186 13.61 -6.19 2.15
C GLY A 186 12.68 -6.06 0.98
N GLY A 187 12.31 -7.19 0.39
CA GLY A 187 11.41 -7.17 -0.75
C GLY A 187 11.58 -8.39 -1.62
N THR A 188 11.12 -8.33 -2.86
CA THR A 188 11.26 -9.47 -3.76
C THR A 188 11.25 -9.09 -5.21
N LEU A 189 11.74 -10.01 -6.04
CA LEU A 189 11.78 -9.81 -7.47
C LEU A 189 11.25 -11.05 -8.14
N LEU A 190 10.42 -10.90 -9.17
CA LEU A 190 9.94 -12.07 -9.87
C LEU A 190 10.16 -11.94 -11.35
N THR A 191 10.66 -13.00 -11.97
CA THR A 191 10.85 -12.99 -13.41
C THR A 191 10.39 -14.33 -13.98
N ASN A 192 9.93 -14.30 -15.22
CA ASN A 192 9.49 -15.52 -15.89
C ASN A 192 10.75 -16.30 -16.29
N ASP A 193 10.59 -17.44 -16.93
CA ASP A 193 11.75 -18.23 -17.33
C ASP A 193 12.72 -17.48 -18.26
N ALA A 194 12.21 -16.50 -19.00
CA ALA A 194 13.04 -15.71 -19.90
C ALA A 194 13.92 -14.70 -19.17
N GLY A 195 13.63 -14.42 -17.90
CA GLY A 195 14.46 -13.46 -17.18
C GLY A 195 13.94 -12.04 -17.22
N GLU A 196 12.74 -11.88 -17.80
CA GLU A 196 12.07 -10.58 -17.90
C GLU A 196 11.35 -10.34 -16.58
N MET A 197 11.46 -9.12 -16.08
CA MET A 197 10.83 -8.79 -14.81
C MET A 197 9.33 -8.95 -14.89
N LEU A 198 8.75 -9.46 -13.82
CA LEU A 198 7.30 -9.62 -13.75
C LEU A 198 6.75 -8.77 -12.62
N PHE A 199 7.44 -8.77 -11.48
CA PHE A 199 6.98 -8.02 -10.34
C PHE A 199 8.15 -7.61 -9.46
N ALA A 200 8.00 -6.52 -8.71
CA ALA A 200 9.04 -6.04 -7.79
C ALA A 200 8.42 -5.22 -6.66
N GLU A 201 8.85 -5.47 -5.43
CA GLU A 201 8.35 -4.71 -4.29
C GLU A 201 9.45 -4.61 -3.26
N HIS A 202 9.61 -3.45 -2.61
CA HIS A 202 10.65 -3.29 -1.61
C HIS A 202 10.20 -2.40 -0.46
N HIS A 203 10.83 -2.57 0.71
CA HIS A 203 10.45 -1.76 1.86
C HIS A 203 11.63 -1.00 2.43
N PHE A 204 11.44 0.29 2.68
CA PHE A 204 12.51 1.12 3.22
C PHE A 204 12.07 1.74 4.55
N SER A 205 13.04 2.14 5.35
CA SER A 205 12.72 2.75 6.64
C SER A 205 13.56 3.97 6.97
N ALA A 206 12.91 5.12 7.01
CA ALA A 206 13.56 6.36 7.36
C ALA A 206 12.94 6.71 8.71
N GLY A 207 13.49 6.11 9.75
CA GLY A 207 13.00 6.33 11.10
C GLY A 207 11.71 5.56 11.30
N PRO A 208 10.68 6.20 11.87
CA PRO A 208 9.42 5.49 12.08
C PRO A 208 8.66 5.26 10.75
N LEU A 209 8.92 6.12 9.76
CA LEU A 209 8.26 6.04 8.46
C LEU A 209 8.58 4.78 7.66
N GLN A 210 7.56 4.13 7.09
CA GLN A 210 7.76 2.93 6.29
C GLN A 210 7.48 3.26 4.84
N ILE A 211 8.42 2.98 3.95
CA ILE A 211 8.22 3.28 2.53
C ILE A 211 8.08 2.02 1.68
N THR A 212 7.19 2.03 0.71
CA THR A 212 6.99 0.86 -0.13
C THR A 212 7.00 1.17 -1.62
N THR A 213 7.84 0.48 -2.40
CA THR A 213 7.87 0.66 -3.86
C THR A 213 7.32 -0.64 -4.44
N CYS A 214 6.43 -0.51 -5.41
CA CYS A 214 5.78 -1.66 -5.97
C CYS A 214 5.55 -1.47 -7.46
N MET A 215 5.85 -2.51 -8.24
CA MET A 215 5.64 -2.44 -9.68
C MET A 215 5.41 -3.85 -10.24
N HIS A 216 4.33 -4.00 -10.99
CA HIS A 216 3.98 -5.28 -11.59
C HIS A 216 3.82 -5.04 -13.07
N ARG A 217 4.46 -5.85 -13.89
CA ARG A 217 4.40 -5.63 -15.33
C ARG A 217 3.16 -6.16 -16.01
N ARG A 218 2.31 -6.86 -15.27
CA ARG A 218 1.08 -7.39 -15.88
C ARG A 218 -0.02 -7.50 -14.84
N ALA A 219 -0.54 -6.36 -14.40
CA ALA A 219 -1.59 -6.30 -13.40
C ALA A 219 -2.94 -5.85 -13.96
N GLY A 220 -3.00 -5.64 -15.28
CA GLY A 220 -4.24 -5.21 -15.90
C GLY A 220 -4.57 -3.75 -15.66
N SER A 221 -3.57 -2.96 -15.33
CA SER A 221 -3.81 -1.55 -15.07
C SER A 221 -2.54 -0.73 -15.25
N GLN A 222 -2.62 0.35 -16.02
CA GLN A 222 -1.45 1.18 -16.24
C GLN A 222 -1.45 2.31 -15.22
N ARG A 223 -1.98 2.05 -14.04
CA ARG A 223 -2.11 3.07 -12.99
C ARG A 223 -0.88 3.45 -12.18
N GLU A 224 -0.76 4.72 -11.85
CA GLU A 224 0.35 5.15 -10.98
C GLU A 224 -0.27 5.85 -9.78
N THR A 225 0.21 5.52 -8.58
CA THR A 225 -0.34 6.14 -7.39
C THR A 225 0.62 6.32 -6.22
N VAL A 226 0.32 7.27 -5.37
CA VAL A 226 1.11 7.50 -4.19
C VAL A 226 0.12 7.59 -3.04
N GLN A 227 0.41 6.89 -1.95
CA GLN A 227 -0.44 6.85 -0.78
C GLN A 227 0.31 7.32 0.43
N ALA A 228 -0.24 8.28 1.18
CA ALA A 228 0.44 8.76 2.36
C ALA A 228 -0.46 8.66 3.57
N VAL A 229 0.10 8.18 4.67
CA VAL A 229 -0.65 8.07 5.93
C VAL A 229 0.13 8.93 6.89
N THR A 230 -0.38 10.12 7.13
CA THR A 230 0.28 11.07 8.01
C THR A 230 -0.51 11.18 9.31
N ASP A 231 -0.09 12.09 10.17
CA ASP A 231 -0.77 12.30 11.44
C ASP A 231 -1.80 13.39 11.21
N GLY A 232 -3.05 12.99 11.08
CA GLY A 232 -4.11 13.97 10.87
C GLY A 232 -4.61 14.09 9.44
N ALA A 233 -4.21 13.18 8.56
CA ALA A 233 -4.67 13.24 7.18
C ALA A 233 -4.18 12.05 6.38
N LEU A 234 -4.93 11.74 5.32
CA LEU A 234 -4.61 10.66 4.41
C LEU A 234 -4.62 11.26 3.02
N ILE A 235 -3.51 11.14 2.29
CA ILE A 235 -3.45 11.71 0.95
C ILE A 235 -3.23 10.63 -0.12
N ASP A 236 -3.92 10.76 -1.24
CA ASP A 236 -3.80 9.81 -2.33
C ASP A 236 -3.58 10.61 -3.63
N ILE A 237 -2.67 10.19 -4.47
CA ILE A 237 -2.43 10.87 -5.74
C ILE A 237 -2.43 9.82 -6.85
N THR A 238 -3.32 9.93 -7.82
CA THR A 238 -3.36 8.95 -8.89
C THR A 238 -2.87 9.57 -10.19
N ASP A 239 -2.04 8.84 -10.93
CA ASP A 239 -1.47 9.29 -12.20
C ASP A 239 -1.01 10.75 -12.23
N MET A 240 -0.46 11.23 -11.11
CA MET A 240 0.03 12.61 -11.02
C MET A 240 -1.01 13.67 -11.38
N ARG A 241 -2.25 13.26 -11.54
CA ARG A 241 -3.31 14.18 -11.91
C ARG A 241 -4.37 14.39 -10.84
N GLU A 242 -4.77 13.33 -10.16
CA GLU A 242 -5.82 13.43 -9.14
C GLU A 242 -5.31 13.50 -7.69
N TRP A 243 -5.74 14.49 -6.92
CA TRP A 243 -5.32 14.60 -5.53
C TRP A 243 -6.52 14.47 -4.59
N ARG A 244 -6.47 13.50 -3.67
CA ARG A 244 -7.54 13.31 -2.71
C ARG A 244 -6.94 13.28 -1.31
N GLU A 245 -7.54 14.01 -0.39
CA GLU A 245 -7.04 13.98 0.98
C GLU A 245 -8.22 13.88 1.94
N GLU A 246 -8.01 13.29 3.10
CA GLU A 246 -9.08 13.17 4.08
C GLU A 246 -8.54 13.63 5.43
N ARG A 247 -9.02 14.77 5.93
CA ARG A 247 -8.55 15.30 7.21
C ARG A 247 -9.66 15.40 8.24
N GLY A 248 -10.45 14.34 8.38
CA GLY A 248 -11.51 14.36 9.38
C GLY A 248 -12.88 14.89 8.95
N GLN A 249 -12.94 15.63 7.85
CA GLN A 249 -14.19 16.18 7.39
C GLN A 249 -14.55 15.81 5.97
N GLY A 250 -14.32 14.55 5.62
CA GLY A 250 -14.62 14.09 4.27
C GLY A 250 -13.53 14.28 3.24
N VAL A 251 -13.45 13.34 2.30
CA VAL A 251 -12.47 13.36 1.21
C VAL A 251 -12.65 14.58 0.34
N VAL A 252 -11.55 15.21 -0.02
CA VAL A 252 -11.57 16.40 -0.87
C VAL A 252 -10.75 16.15 -2.13
N HIS A 253 -11.26 16.64 -3.26
CA HIS A 253 -10.58 16.48 -4.54
C HIS A 253 -10.01 17.81 -5.01
N LYS A 254 -8.72 18.03 -4.77
CA LYS A 254 -8.11 19.29 -5.21
C LYS A 254 -8.51 19.56 -6.67
N PRO A 255 -8.87 20.82 -6.98
CA PRO A 255 -9.29 21.29 -8.32
C PRO A 255 -8.15 21.18 -9.35
N ILE A 256 -8.54 20.91 -10.59
CA ILE A 256 -7.60 20.77 -11.72
C ILE A 256 -7.93 21.85 -12.79
N PRO A 257 -7.19 22.98 -12.76
CA PRO A 257 -7.35 24.13 -13.69
C PRO A 257 -7.11 23.85 -15.17
N GLY A 258 -7.33 24.89 -15.99
CA GLY A 258 -7.11 24.80 -17.42
C GLY A 258 -5.63 24.53 -17.66
N TRP A 259 -4.87 24.60 -16.56
CA TRP A 259 -3.42 24.34 -16.54
C TRP A 259 -3.23 22.85 -16.84
N GLN A 260 -4.33 22.14 -17.04
CA GLN A 260 -4.29 20.71 -17.30
C GLN A 260 -3.44 20.39 -18.53
N SER A 261 -2.13 20.23 -18.29
CA SER A 261 -1.17 19.89 -19.35
C SER A 261 -0.45 18.66 -18.87
N THR A 262 -0.75 17.52 -19.45
CA THR A 262 -0.10 16.31 -19.03
C THR A 262 1.40 16.59 -18.91
N LEU A 263 1.96 17.26 -19.92
CA LEU A 263 3.38 17.54 -19.87
C LEU A 263 3.78 18.35 -18.64
N GLU A 264 2.85 19.09 -18.07
CA GLU A 264 3.14 19.89 -16.90
C GLU A 264 2.86 19.14 -15.61
N GLN A 265 1.75 18.41 -15.55
CA GLN A 265 1.41 17.64 -14.35
C GLN A 265 2.49 16.61 -14.09
N ARG A 266 2.95 15.96 -15.15
CA ARG A 266 3.98 14.95 -15.03
C ARG A 266 5.38 15.50 -14.77
N GLY A 267 5.50 16.82 -14.70
CA GLY A 267 6.79 17.42 -14.41
C GLY A 267 7.80 17.71 -15.50
N PHE A 268 7.48 17.40 -16.75
CA PHE A 268 8.41 17.64 -17.86
C PHE A 268 8.75 19.11 -18.00
N VAL A 269 7.71 19.93 -18.03
CA VAL A 269 7.92 21.34 -18.17
C VAL A 269 8.89 21.84 -17.12
N GLY A 270 8.50 21.70 -15.85
CA GLY A 270 9.35 22.15 -14.76
C GLY A 270 10.76 21.61 -14.78
N CYS A 271 10.93 20.39 -15.28
CA CYS A 271 12.24 19.78 -15.33
C CYS A 271 13.10 20.57 -16.29
N ALA A 272 12.56 20.86 -17.48
CA ALA A 272 13.29 21.62 -18.47
C ALA A 272 13.63 22.99 -17.91
N ARG A 273 12.63 23.71 -17.42
CA ARG A 273 12.86 25.04 -16.86
C ARG A 273 13.95 25.00 -15.80
N HIS A 274 13.90 24.01 -14.95
CA HIS A 274 14.88 23.91 -13.90
C HIS A 274 16.29 23.68 -14.42
N PHE A 275 16.43 22.88 -15.46
CA PHE A 275 17.74 22.61 -16.03
C PHE A 275 18.37 23.87 -16.60
N ILE A 276 17.63 24.51 -17.50
CA ILE A 276 18.08 25.73 -18.14
C ILE A 276 18.35 26.83 -17.14
N GLU A 277 17.53 26.90 -16.12
CA GLU A 277 17.72 27.92 -15.10
C GLU A 277 19.05 27.70 -14.43
N CYS A 278 19.36 26.47 -14.06
CA CYS A 278 20.62 26.23 -13.39
C CYS A 278 21.78 26.57 -14.28
N VAL A 279 21.64 26.29 -15.56
CA VAL A 279 22.73 26.56 -16.49
C VAL A 279 23.01 28.06 -16.57
N GLN A 280 21.97 28.85 -16.78
CA GLN A 280 22.13 30.28 -16.89
C GLN A 280 22.49 30.93 -15.58
N ASN A 281 21.99 30.37 -14.48
CA ASN A 281 22.28 30.95 -13.17
C ASN A 281 23.50 30.33 -12.51
N GLN A 282 24.10 29.34 -13.19
CA GLN A 282 25.26 28.64 -12.66
C GLN A 282 25.05 28.17 -11.22
N THR A 283 23.99 27.39 -11.04
CA THR A 283 23.65 26.83 -9.74
C THR A 283 23.57 25.33 -9.89
N VAL A 284 23.46 24.63 -8.77
CA VAL A 284 23.40 23.17 -8.80
C VAL A 284 21.98 22.60 -8.89
N PRO A 285 21.71 21.82 -9.94
CA PRO A 285 20.37 21.27 -10.07
C PRO A 285 20.01 20.26 -8.98
N GLN A 286 18.71 20.13 -8.72
CA GLN A 286 18.16 19.20 -7.73
C GLN A 286 18.44 17.73 -8.07
N THR A 287 18.81 17.46 -9.33
CA THR A 287 19.11 16.09 -9.78
C THR A 287 20.56 15.91 -10.27
N ALA A 288 21.51 16.53 -9.58
CA ALA A 288 22.92 16.42 -9.94
C ALA A 288 23.76 15.81 -8.80
N GLY A 289 25.02 15.51 -9.08
CA GLY A 289 25.88 14.95 -8.07
C GLY A 289 25.33 13.68 -7.46
N GLU A 290 25.48 13.53 -6.16
CA GLU A 290 25.00 12.32 -5.49
C GLU A 290 23.51 12.10 -5.68
N GLN A 291 22.82 13.18 -5.99
CA GLN A 291 21.40 13.10 -6.18
C GLN A 291 21.03 12.46 -7.51
N ALA A 292 21.97 12.44 -8.44
CA ALA A 292 21.69 11.87 -9.77
C ALA A 292 22.04 10.41 -9.82
N VAL A 293 22.19 9.79 -8.66
CA VAL A 293 22.56 8.40 -8.66
C VAL A 293 22.26 7.72 -7.33
N LEU A 294 21.48 8.40 -6.49
CA LEU A 294 21.14 7.87 -5.19
C LEU A 294 20.26 6.62 -5.26
N ALA A 295 19.26 6.66 -6.14
CA ALA A 295 18.33 5.56 -6.32
C ALA A 295 18.96 4.44 -7.13
N GLN A 296 19.77 4.82 -8.08
CA GLN A 296 20.47 3.87 -8.93
C GLN A 296 21.41 3.04 -8.07
N ARG A 297 22.03 3.67 -7.08
CA ARG A 297 22.93 2.93 -6.24
C ARG A 297 22.14 1.84 -5.51
N ILE A 298 20.87 2.13 -5.28
CA ILE A 298 19.97 1.22 -4.57
C ILE A 298 19.45 0.14 -5.50
N VAL A 299 18.95 0.55 -6.65
CA VAL A 299 18.43 -0.42 -7.56
C VAL A 299 19.48 -1.42 -7.98
N ASP A 300 20.70 -0.95 -8.19
CA ASP A 300 21.78 -1.84 -8.59
C ASP A 300 22.02 -2.92 -7.54
N LYS A 301 22.15 -2.49 -6.29
CA LYS A 301 22.36 -3.41 -5.17
C LYS A 301 21.26 -4.51 -5.18
N ILE A 302 20.00 -4.10 -5.34
CA ILE A 302 18.89 -5.04 -5.39
C ILE A 302 19.14 -6.09 -6.48
N TRP A 303 19.53 -5.62 -7.66
CA TRP A 303 19.80 -6.52 -8.75
C TRP A 303 20.99 -7.41 -8.45
N ARG A 304 22.09 -6.83 -7.99
CA ARG A 304 23.25 -7.65 -7.70
C ARG A 304 22.88 -8.77 -6.74
N ASP A 305 22.21 -8.43 -5.65
CA ASP A 305 21.80 -9.43 -4.66
C ASP A 305 20.90 -10.51 -5.28
N ALA A 306 20.07 -10.15 -6.24
CA ALA A 306 19.21 -11.12 -6.86
C ALA A 306 20.05 -12.13 -7.62
N MET A 307 21.07 -11.63 -8.30
CA MET A 307 21.95 -12.48 -9.09
C MET A 307 22.98 -13.24 -8.25
N SER A 308 22.84 -13.23 -6.93
CA SER A 308 23.80 -13.95 -6.09
C SER A 308 23.20 -15.10 -5.32
N LYS B 5 -34.64 -26.98 17.41
CA LYS B 5 -33.97 -25.68 17.15
C LYS B 5 -33.16 -25.20 18.35
N LEU B 6 -31.91 -24.79 18.10
CA LEU B 6 -31.01 -24.31 19.18
C LEU B 6 -31.40 -23.01 19.86
N ARG B 7 -31.09 -22.91 21.15
CA ARG B 7 -31.37 -21.67 21.90
C ARG B 7 -30.03 -20.93 22.01
N ILE B 8 -30.03 -19.67 21.60
CA ILE B 8 -28.83 -18.85 21.61
C ILE B 8 -28.88 -17.71 22.63
N GLY B 9 -27.78 -17.56 23.36
CA GLY B 9 -27.68 -16.51 24.35
C GLY B 9 -26.69 -15.48 23.89
N VAL B 10 -26.82 -14.26 24.39
CA VAL B 10 -25.89 -13.22 24.00
C VAL B 10 -25.34 -12.53 25.25
N VAL B 11 -24.02 -12.42 25.30
CA VAL B 11 -23.31 -11.77 26.40
C VAL B 11 -22.65 -10.56 25.79
N GLY B 12 -23.05 -9.38 26.19
CA GLY B 12 -22.40 -8.22 25.63
C GLY B 12 -23.31 -7.04 25.68
N LEU B 13 -23.12 -6.20 26.71
CA LEU B 13 -23.91 -5.00 26.95
C LEU B 13 -24.60 -4.53 25.64
N GLY B 14 -24.20 -3.39 25.10
CA GLY B 14 -24.81 -2.90 23.88
C GLY B 14 -24.04 -1.77 23.18
N GLY B 15 -22.81 -1.52 23.67
CA GLY B 15 -21.98 -0.49 23.09
C GLY B 15 -21.96 -0.66 21.58
N ILE B 16 -21.45 -1.83 21.17
CA ILE B 16 -21.37 -2.19 19.76
C ILE B 16 -22.51 -3.17 19.42
N ALA B 17 -22.61 -4.27 20.19
CA ALA B 17 -23.62 -5.30 19.97
C ALA B 17 -24.98 -4.75 19.49
N GLN B 18 -25.50 -3.75 20.20
CA GLN B 18 -26.79 -3.14 19.84
C GLN B 18 -26.85 -2.73 18.35
N LYS B 19 -25.72 -2.25 17.83
CA LYS B 19 -25.62 -1.82 16.42
C LYS B 19 -25.59 -3.00 15.41
N ALA B 20 -24.77 -4.01 15.69
CA ALA B 20 -24.62 -5.18 14.81
C ALA B 20 -24.93 -6.53 15.47
N TRP B 21 -24.10 -6.89 16.45
CA TRP B 21 -24.21 -8.15 17.19
C TRP B 21 -25.53 -8.36 17.93
N LEU B 22 -26.54 -7.55 17.56
CA LEU B 22 -27.89 -7.59 18.13
C LEU B 22 -28.92 -7.59 16.97
N PRO B 23 -28.88 -6.57 16.07
CA PRO B 23 -29.87 -6.60 14.98
C PRO B 23 -29.63 -7.84 14.12
N VAL B 24 -28.46 -8.47 14.32
CA VAL B 24 -28.09 -9.67 13.58
C VAL B 24 -28.90 -10.89 14.06
N LEU B 25 -29.49 -10.78 15.26
CA LEU B 25 -30.29 -11.88 15.82
C LEU B 25 -31.79 -11.65 15.49
N ALA B 26 -32.05 -10.57 14.73
CA ALA B 26 -33.39 -10.18 14.26
C ALA B 26 -33.72 -11.01 13.02
N ALA B 27 -33.18 -12.23 12.98
CA ALA B 27 -33.39 -13.16 11.88
C ALA B 27 -34.36 -14.26 12.33
N ALA B 28 -33.87 -15.13 13.21
CA ALA B 28 -34.63 -16.25 13.77
C ALA B 28 -35.18 -17.23 12.73
N SER B 29 -34.44 -18.33 12.52
CA SER B 29 -34.80 -19.38 11.55
C SER B 29 -33.81 -20.53 11.82
N ASP B 30 -34.30 -21.65 12.37
CA ASP B 30 -33.44 -22.82 12.71
C ASP B 30 -32.89 -22.73 14.15
N TRP B 31 -32.90 -21.52 14.72
CA TRP B 31 -32.45 -21.26 16.10
C TRP B 31 -33.22 -20.10 16.72
N THR B 32 -33.21 -20.01 18.05
CA THR B 32 -33.90 -18.95 18.76
C THR B 32 -33.02 -18.16 19.73
N LEU B 33 -33.36 -16.89 19.94
CA LEU B 33 -32.63 -16.02 20.84
C LEU B 33 -33.20 -16.20 22.23
N GLN B 34 -32.60 -17.12 22.99
CA GLN B 34 -33.00 -17.47 24.36
C GLN B 34 -32.35 -16.54 25.38
N GLY B 35 -32.77 -15.28 25.41
CA GLY B 35 -32.20 -14.34 26.38
C GLY B 35 -30.73 -13.91 26.26
N ALA B 36 -30.40 -12.84 26.98
CA ALA B 36 -29.04 -12.31 26.97
C ALA B 36 -28.63 -11.64 28.29
N TRP B 37 -27.32 -11.62 28.56
CA TRP B 37 -26.81 -11.00 29.80
C TRP B 37 -25.53 -10.19 29.58
N SER B 38 -25.25 -9.34 30.56
CA SER B 38 -24.05 -8.52 30.51
C SER B 38 -23.65 -8.14 31.93
N PRO B 39 -22.37 -7.83 32.16
CA PRO B 39 -21.89 -7.45 33.49
C PRO B 39 -22.60 -6.22 34.05
N THR B 40 -22.84 -5.21 33.20
CA THR B 40 -23.53 -3.98 33.64
C THR B 40 -25.04 -4.25 33.62
N ARG B 41 -25.53 -4.76 34.76
CA ARG B 41 -26.94 -5.09 34.93
C ARG B 41 -27.84 -3.86 34.75
N ALA B 42 -27.24 -2.73 34.38
CA ALA B 42 -27.98 -1.47 34.20
C ALA B 42 -28.22 -1.08 32.71
N LYS B 43 -27.14 -0.66 32.02
CA LYS B 43 -27.15 -0.25 30.58
C LYS B 43 -27.46 -1.42 29.61
N ALA B 44 -28.12 -2.46 30.14
CA ALA B 44 -28.49 -3.68 29.39
C ALA B 44 -29.99 -4.00 29.56
N LEU B 45 -30.57 -3.53 30.66
CA LEU B 45 -31.98 -3.74 30.97
C LEU B 45 -32.87 -3.06 29.91
N PRO B 46 -32.46 -1.87 29.43
CA PRO B 46 -33.25 -1.14 28.43
C PRO B 46 -33.32 -1.85 27.11
N ILE B 47 -32.15 -2.20 26.59
CA ILE B 47 -32.15 -2.85 25.31
C ILE B 47 -32.93 -4.15 25.39
N CYS B 48 -32.77 -4.89 26.48
CA CYS B 48 -33.50 -6.17 26.61
C CYS B 48 -35.01 -6.05 26.52
N GLU B 49 -35.49 -4.90 27.00
CA GLU B 49 -36.90 -4.58 27.01
C GLU B 49 -37.30 -4.02 25.64
N SER B 50 -36.50 -3.10 25.12
CA SER B 50 -36.80 -2.50 23.83
C SER B 50 -36.78 -3.55 22.73
N TRP B 51 -35.94 -4.56 22.88
CA TRP B 51 -35.88 -5.59 21.86
C TRP B 51 -36.76 -6.78 22.22
N ARG B 52 -37.47 -6.66 23.34
CA ARG B 52 -38.36 -7.72 23.77
C ARG B 52 -37.56 -9.02 23.91
N ILE B 53 -36.55 -9.03 24.77
CA ILE B 53 -35.70 -10.22 24.98
C ILE B 53 -35.47 -10.53 26.48
N PRO B 54 -35.40 -11.83 26.83
CA PRO B 54 -35.18 -12.28 28.22
C PRO B 54 -33.85 -11.79 28.80
N TYR B 55 -33.90 -11.08 29.91
CA TYR B 55 -32.68 -10.57 30.53
C TYR B 55 -32.15 -11.45 31.68
N ALA B 56 -31.22 -12.36 31.39
CA ALA B 56 -30.68 -13.20 32.44
C ALA B 56 -30.11 -12.30 33.55
N ASP B 57 -30.33 -12.66 34.82
CA ASP B 57 -29.83 -11.86 35.94
C ASP B 57 -28.38 -12.18 36.26
N SER B 58 -27.90 -13.32 35.78
CA SER B 58 -26.52 -13.69 36.03
C SER B 58 -26.09 -14.58 34.89
N LEU B 59 -24.79 -14.66 34.67
CA LEU B 59 -24.28 -15.52 33.62
C LEU B 59 -24.67 -16.96 33.92
N SER B 60 -24.86 -17.27 35.20
CA SER B 60 -25.23 -18.62 35.59
C SER B 60 -26.54 -19.03 34.92
N SER B 61 -27.59 -18.22 35.09
CA SER B 61 -28.86 -18.56 34.48
C SER B 61 -28.76 -18.58 32.95
N LEU B 62 -28.27 -17.49 32.38
CA LEU B 62 -28.11 -17.38 30.91
C LEU B 62 -27.47 -18.64 30.30
N ALA B 63 -26.53 -19.23 31.03
CA ALA B 63 -25.84 -20.42 30.54
C ALA B 63 -26.69 -21.64 30.77
N ALA B 64 -27.37 -21.61 31.90
CA ALA B 64 -28.23 -22.72 32.28
C ALA B 64 -29.24 -23.02 31.16
N SER B 65 -29.97 -21.99 30.73
CA SER B 65 -30.99 -22.14 29.69
C SER B 65 -30.59 -21.83 28.22
N CYS B 66 -29.38 -22.21 27.83
CA CYS B 66 -28.88 -21.98 26.47
C CYS B 66 -28.03 -23.13 26.00
N ASP B 67 -27.92 -23.26 24.69
CA ASP B 67 -27.13 -24.35 24.11
C ASP B 67 -25.80 -23.79 23.60
N ALA B 68 -25.82 -22.51 23.24
CA ALA B 68 -24.65 -21.81 22.73
C ALA B 68 -24.81 -20.31 22.95
N VAL B 69 -23.69 -19.62 23.14
CA VAL B 69 -23.76 -18.18 23.36
C VAL B 69 -22.67 -17.34 22.69
N PHE B 70 -23.08 -16.18 22.18
CA PHE B 70 -22.15 -15.26 21.55
C PHE B 70 -21.62 -14.33 22.62
N VAL B 71 -20.30 -14.28 22.77
CA VAL B 71 -19.72 -13.40 23.79
C VAL B 71 -19.12 -12.14 23.12
N HIS B 72 -19.70 -10.98 23.44
CA HIS B 72 -19.26 -9.70 22.89
C HIS B 72 -19.07 -8.66 24.00
N SER B 73 -18.52 -9.09 25.14
CA SER B 73 -18.29 -8.16 26.25
C SER B 73 -16.81 -7.79 26.23
N SER B 74 -16.37 -6.98 27.20
CA SER B 74 -14.97 -6.53 27.32
C SER B 74 -13.96 -7.64 27.06
N THR B 75 -12.86 -7.28 26.40
CA THR B 75 -11.81 -8.25 26.12
C THR B 75 -11.22 -8.82 27.42
N ALA B 76 -11.18 -7.98 28.47
CA ALA B 76 -10.64 -8.42 29.77
C ALA B 76 -11.47 -9.54 30.38
N SER B 77 -12.76 -9.54 30.08
CA SER B 77 -13.68 -10.55 30.60
C SER B 77 -13.77 -11.79 29.73
N HIS B 78 -13.48 -11.68 28.44
CA HIS B 78 -13.58 -12.83 27.57
C HIS B 78 -13.21 -14.15 28.21
N PHE B 79 -12.01 -14.25 28.77
CA PHE B 79 -11.55 -15.51 29.36
C PHE B 79 -12.49 -16.10 30.39
N ASP B 80 -12.81 -15.31 31.42
CA ASP B 80 -13.68 -15.79 32.47
C ASP B 80 -15.02 -16.19 31.91
N VAL B 81 -15.62 -15.31 31.11
CA VAL B 81 -16.91 -15.61 30.53
C VAL B 81 -16.90 -16.94 29.77
N VAL B 82 -16.02 -17.05 28.78
CA VAL B 82 -15.92 -18.25 27.99
C VAL B 82 -15.61 -19.44 28.87
N SER B 83 -14.72 -19.21 29.83
CA SER B 83 -14.32 -20.26 30.76
C SER B 83 -15.54 -20.76 31.56
N THR B 84 -16.40 -19.85 31.96
CA THR B 84 -17.57 -20.25 32.71
C THR B 84 -18.51 -21.00 31.79
N LEU B 85 -18.88 -20.35 30.69
CA LEU B 85 -19.79 -20.98 29.73
C LEU B 85 -19.30 -22.37 29.32
N LEU B 86 -18.06 -22.49 28.88
CA LEU B 86 -17.59 -23.81 28.49
C LEU B 86 -17.85 -24.83 29.58
N ASN B 87 -17.54 -24.45 30.82
CA ASN B 87 -17.76 -25.37 31.94
C ASN B 87 -19.21 -25.75 32.15
N ALA B 88 -20.09 -24.94 31.60
CA ALA B 88 -21.51 -25.18 31.70
C ALA B 88 -21.91 -26.02 30.49
N GLY B 89 -20.89 -26.51 29.77
CA GLY B 89 -21.11 -27.32 28.58
C GLY B 89 -21.77 -26.57 27.43
N VAL B 90 -21.67 -25.25 27.44
CA VAL B 90 -22.28 -24.43 26.38
C VAL B 90 -21.31 -24.12 25.24
N HIS B 91 -21.83 -24.06 24.02
CA HIS B 91 -21.00 -23.77 22.88
C HIS B 91 -20.80 -22.27 22.84
N VAL B 92 -19.60 -21.83 22.53
CA VAL B 92 -19.32 -20.40 22.54
C VAL B 92 -18.64 -19.84 21.30
N CYS B 93 -18.91 -18.58 21.03
CA CYS B 93 -18.29 -17.90 19.93
C CYS B 93 -17.83 -16.56 20.52
N VAL B 94 -16.53 -16.45 20.83
CA VAL B 94 -15.99 -15.24 21.43
C VAL B 94 -15.49 -14.23 20.45
N ASP B 95 -15.68 -12.97 20.80
CA ASP B 95 -15.23 -11.86 19.97
C ASP B 95 -13.71 -11.79 19.90
N LYS B 96 -13.24 -11.51 18.69
CA LYS B 96 -11.84 -11.37 18.35
C LYS B 96 -10.83 -11.85 19.40
N PRO B 97 -10.58 -11.09 20.50
CA PRO B 97 -9.58 -11.64 21.43
C PRO B 97 -10.08 -12.82 22.27
N LEU B 98 -9.47 -13.99 22.11
CA LEU B 98 -9.90 -15.15 22.88
C LEU B 98 -9.71 -14.87 24.36
N ALA B 99 -8.53 -14.36 24.69
CA ALA B 99 -8.17 -14.00 26.05
C ALA B 99 -7.02 -13.01 25.88
N GLU B 100 -6.88 -12.07 26.81
CA GLU B 100 -5.83 -11.05 26.75
C GLU B 100 -4.54 -11.62 27.25
N ASN B 101 -4.31 -12.86 26.88
CA ASN B 101 -3.11 -13.56 27.28
C ASN B 101 -3.01 -14.82 26.44
N LEU B 102 -1.92 -14.97 25.71
CA LEU B 102 -1.73 -16.12 24.83
C LEU B 102 -2.00 -17.46 25.51
N ARG B 103 -1.34 -17.72 26.64
CA ARG B 103 -1.54 -19.00 27.33
C ARG B 103 -3.03 -19.24 27.64
N ASP B 104 -3.63 -18.27 28.33
CA ASP B 104 -5.03 -18.38 28.69
C ASP B 104 -5.89 -18.83 27.52
N ALA B 105 -5.52 -18.39 26.32
CA ALA B 105 -6.26 -18.74 25.13
C ALA B 105 -6.05 -20.20 24.76
N GLU B 106 -4.79 -20.62 24.78
CA GLU B 106 -4.45 -21.99 24.44
C GLU B 106 -5.11 -22.92 25.46
N ARG B 107 -5.46 -22.38 26.62
CA ARG B 107 -6.12 -23.20 27.64
C ARG B 107 -7.61 -23.34 27.33
N LEU B 108 -8.25 -22.26 26.88
CA LEU B 108 -9.67 -22.34 26.54
C LEU B 108 -9.79 -23.26 25.33
N VAL B 109 -8.82 -23.22 24.45
CA VAL B 109 -8.87 -24.07 23.28
C VAL B 109 -8.77 -25.51 23.71
N GLU B 110 -8.12 -25.76 24.84
CA GLU B 110 -7.99 -27.12 25.34
C GLU B 110 -9.29 -27.52 26.01
N LEU B 111 -9.71 -26.70 26.97
CA LEU B 111 -10.94 -26.98 27.69
C LEU B 111 -12.06 -27.34 26.73
N ALA B 112 -12.28 -26.45 25.75
CA ALA B 112 -13.33 -26.61 24.73
C ALA B 112 -13.28 -27.97 24.03
N ALA B 113 -12.08 -28.42 23.66
CA ALA B 113 -11.95 -29.71 23.01
C ALA B 113 -12.18 -30.80 24.06
N ARG B 114 -11.45 -30.69 25.17
CA ARG B 114 -11.52 -31.66 26.26
C ARG B 114 -12.95 -31.86 26.78
N LYS B 115 -13.89 -31.01 26.35
CA LYS B 115 -15.27 -31.13 26.79
C LYS B 115 -16.21 -31.24 25.61
N LYS B 116 -15.71 -31.80 24.51
CA LYS B 116 -16.49 -32.01 23.27
C LYS B 116 -17.43 -30.84 22.91
N LEU B 117 -16.98 -29.61 23.19
CA LEU B 117 -17.73 -28.40 22.88
C LEU B 117 -17.00 -27.67 21.77
N THR B 118 -17.72 -26.78 21.10
CA THR B 118 -17.13 -25.98 20.03
C THR B 118 -16.89 -24.52 20.46
N LEU B 119 -15.63 -24.12 20.34
CA LEU B 119 -15.18 -22.77 20.69
C LEU B 119 -14.47 -22.15 19.51
N MET B 120 -15.08 -21.10 18.97
CA MET B 120 -14.53 -20.39 17.84
C MET B 120 -14.52 -18.90 18.10
N VAL B 121 -13.54 -18.23 17.52
CA VAL B 121 -13.44 -16.80 17.66
C VAL B 121 -14.28 -16.13 16.59
N GLY B 122 -14.87 -14.99 16.92
CA GLY B 122 -15.70 -14.26 15.97
C GLY B 122 -14.93 -13.33 15.05
N PHE B 123 -14.25 -13.90 14.05
CA PHE B 123 -13.50 -13.12 13.07
C PHE B 123 -14.46 -12.78 11.95
N ASN B 124 -15.44 -11.96 12.27
CA ASN B 124 -16.43 -11.54 11.31
C ASN B 124 -15.83 -11.29 9.94
N ARG B 125 -14.59 -10.80 9.90
CA ARG B 125 -13.97 -10.50 8.61
C ARG B 125 -13.77 -11.66 7.65
N ARG B 126 -13.51 -12.85 8.18
CA ARG B 126 -13.35 -14.02 7.32
C ARG B 126 -14.70 -14.43 6.77
N PHE B 127 -15.74 -13.65 7.04
CA PHE B 127 -17.07 -13.97 6.54
C PHE B 127 -17.72 -12.86 5.75
N ALA B 128 -16.96 -11.82 5.47
CA ALA B 128 -17.46 -10.68 4.69
C ALA B 128 -17.47 -11.17 3.24
N PRO B 129 -18.62 -11.03 2.55
CA PRO B 129 -18.75 -11.46 1.17
C PRO B 129 -17.63 -11.03 0.23
N LEU B 130 -17.23 -9.75 0.30
CA LEU B 130 -16.15 -9.25 -0.56
C LEU B 130 -14.76 -9.79 -0.22
N TYR B 131 -14.48 -10.05 1.06
CA TYR B 131 -13.18 -10.59 1.39
C TYR B 131 -13.07 -12.04 0.97
N GLY B 132 -14.18 -12.76 1.01
CA GLY B 132 -14.16 -14.16 0.60
C GLY B 132 -14.06 -14.27 -0.91
N GLU B 133 -14.72 -13.36 -1.59
CA GLU B 133 -14.69 -13.35 -3.04
C GLU B 133 -13.26 -13.03 -3.49
N LEU B 134 -12.57 -12.17 -2.74
CA LEU B 134 -11.21 -11.81 -3.06
C LEU B 134 -10.30 -12.99 -2.88
N LYS B 135 -10.49 -13.71 -1.78
CA LYS B 135 -9.64 -14.86 -1.48
C LYS B 135 -9.58 -15.89 -2.60
N THR B 136 -10.61 -15.94 -3.43
CA THR B 136 -10.63 -16.91 -4.51
C THR B 136 -10.03 -16.33 -5.76
N GLN B 137 -9.30 -15.24 -5.59
CA GLN B 137 -8.69 -14.53 -6.72
C GLN B 137 -7.20 -14.27 -6.53
N LEU B 138 -6.73 -14.45 -5.30
CA LEU B 138 -5.34 -14.18 -5.01
C LEU B 138 -4.42 -15.33 -5.34
N ALA B 139 -4.80 -16.16 -6.29
CA ALA B 139 -3.95 -17.30 -6.64
C ALA B 139 -2.60 -16.81 -7.14
N THR B 140 -2.60 -15.76 -7.96
CA THR B 140 -1.34 -15.24 -8.48
C THR B 140 -0.99 -13.89 -7.89
N ALA B 141 -1.41 -13.68 -6.65
CA ALA B 141 -1.17 -12.41 -5.98
C ALA B 141 0.30 -12.17 -5.72
N ALA B 142 0.73 -10.94 -5.95
CA ALA B 142 2.10 -10.60 -5.71
C ALA B 142 2.19 -9.63 -4.54
N SER B 143 1.18 -8.79 -4.35
CA SER B 143 1.23 -7.83 -3.25
C SER B 143 -0.14 -7.73 -2.59
N LEU B 144 -0.18 -7.72 -1.26
CA LEU B 144 -1.44 -7.64 -0.54
C LEU B 144 -1.25 -6.68 0.63
N ARG B 145 -1.97 -5.56 0.62
CA ARG B 145 -1.82 -4.59 1.70
C ARG B 145 -3.16 -4.18 2.27
N MET B 146 -3.28 -4.25 3.59
CA MET B 146 -4.53 -3.88 4.23
C MET B 146 -4.34 -2.70 5.19
N ASP B 147 -5.25 -1.73 5.14
CA ASP B 147 -5.17 -0.56 6.01
C ASP B 147 -6.45 -0.44 6.83
N LYS B 148 -6.31 -0.03 8.09
CA LYS B 148 -7.43 0.17 9.00
C LYS B 148 -7.02 1.36 9.88
N HIS B 149 -7.56 2.53 9.58
CA HIS B 149 -7.21 3.72 10.33
C HIS B 149 -8.37 4.32 11.08
N ARG B 150 -8.07 5.06 12.15
CA ARG B 150 -9.10 5.71 12.93
C ARG B 150 -8.88 7.21 12.75
N SER B 151 -9.95 8.00 12.75
CA SER B 151 -9.78 9.45 12.56
C SER B 151 -9.02 10.05 13.72
N ASN B 152 -9.46 9.76 14.93
CA ASN B 152 -8.80 10.26 16.12
C ASN B 152 -9.20 9.41 17.32
N SER B 153 -8.56 8.25 17.45
CA SER B 153 -8.85 7.34 18.55
C SER B 153 -7.57 6.77 19.12
N VAL B 154 -6.86 7.65 19.83
CA VAL B 154 -5.60 7.29 20.46
C VAL B 154 -5.90 6.60 21.81
N GLY B 155 -6.87 5.68 21.75
CA GLY B 155 -7.31 4.90 22.91
C GLY B 155 -6.62 5.06 24.25
N PRO B 156 -7.41 5.23 25.33
CA PRO B 156 -6.86 5.40 26.67
C PRO B 156 -6.01 4.23 27.14
N HIS B 157 -6.15 3.09 26.47
CA HIS B 157 -5.38 1.91 26.85
C HIS B 157 -4.00 1.90 26.24
N ASP B 158 -3.13 1.06 26.76
CA ASP B 158 -1.77 1.00 26.26
C ASP B 158 -1.64 0.29 24.93
N LEU B 159 -0.40 0.18 24.46
CA LEU B 159 -0.08 -0.45 23.20
C LEU B 159 -0.60 -1.88 23.16
N TYR B 160 -0.29 -2.63 24.20
CA TYR B 160 -0.70 -4.02 24.30
C TYR B 160 -2.19 -4.18 24.01
N PHE B 161 -3.01 -3.43 24.74
CA PHE B 161 -4.46 -3.52 24.55
C PHE B 161 -4.87 -3.32 23.08
N THR B 162 -4.49 -2.18 22.52
CA THR B 162 -4.82 -1.80 21.16
C THR B 162 -4.30 -2.78 20.12
N LEU B 163 -3.28 -3.54 20.48
CA LEU B 163 -2.72 -4.51 19.55
C LEU B 163 -3.65 -5.69 19.44
N LEU B 164 -4.18 -6.15 20.56
CA LEU B 164 -5.08 -7.30 20.57
C LEU B 164 -6.51 -6.90 20.32
N ASP B 165 -6.76 -5.61 20.41
CA ASP B 165 -8.11 -5.13 20.22
C ASP B 165 -8.40 -4.57 18.84
N ASP B 166 -7.37 -4.25 18.08
CA ASP B 166 -7.61 -3.68 16.77
C ASP B 166 -6.66 -4.23 15.72
N TYR B 167 -5.37 -4.13 15.97
CA TYR B 167 -4.42 -4.60 14.99
C TYR B 167 -4.61 -6.09 14.69
N LEU B 168 -5.06 -6.85 15.67
CA LEU B 168 -5.28 -8.29 15.51
C LEU B 168 -6.21 -8.59 14.32
N HIS B 169 -7.18 -7.70 14.14
CA HIS B 169 -8.14 -7.78 13.06
C HIS B 169 -7.44 -7.70 11.71
N VAL B 170 -6.45 -6.81 11.61
CA VAL B 170 -5.74 -6.64 10.36
C VAL B 170 -4.86 -7.85 10.04
N VAL B 171 -4.10 -8.27 11.04
CA VAL B 171 -3.21 -9.41 10.90
C VAL B 171 -4.00 -10.66 10.57
N ASP B 172 -5.13 -10.83 11.26
CA ASP B 172 -5.95 -12.00 11.03
C ASP B 172 -6.41 -12.05 9.58
N THR B 173 -7.11 -11.01 9.16
CA THR B 173 -7.59 -10.93 7.81
C THR B 173 -6.48 -11.07 6.77
N ALA B 174 -5.40 -10.32 6.94
CA ALA B 174 -4.28 -10.40 6.01
C ALA B 174 -3.74 -11.82 5.88
N LEU B 175 -3.47 -12.49 7.00
CA LEU B 175 -2.94 -13.84 6.94
C LEU B 175 -3.89 -14.88 6.39
N TRP B 176 -5.17 -14.67 6.64
CA TRP B 176 -6.19 -15.59 6.18
C TRP B 176 -6.34 -15.48 4.67
N LEU B 177 -6.19 -14.25 4.19
CA LEU B 177 -6.28 -13.98 2.77
C LEU B 177 -5.08 -14.52 1.98
N SER B 178 -3.92 -14.60 2.61
CA SER B 178 -2.73 -15.07 1.93
C SER B 178 -2.58 -16.58 1.97
N GLY B 179 -3.45 -17.20 2.75
CA GLY B 179 -3.44 -18.64 2.90
C GLY B 179 -2.87 -19.08 4.24
N GLY B 180 -2.64 -18.13 5.14
CA GLY B 180 -2.09 -18.45 6.45
C GLY B 180 -0.76 -19.17 6.36
N LYS B 181 0.31 -18.46 6.01
CA LYS B 181 1.61 -19.10 5.90
C LYS B 181 2.67 -18.06 5.58
N ALA B 182 2.60 -16.94 6.27
CA ALA B 182 3.57 -15.89 6.02
C ALA B 182 4.57 -15.79 7.15
N SER B 183 5.62 -15.01 6.91
CA SER B 183 6.66 -14.76 7.88
C SER B 183 6.67 -13.26 8.17
N LEU B 184 7.09 -12.88 9.37
CA LEU B 184 7.13 -11.49 9.77
C LEU B 184 8.51 -10.94 9.43
N ASP B 185 8.65 -10.29 8.28
CA ASP B 185 9.94 -9.77 7.89
C ASP B 185 10.38 -8.54 8.65
N GLY B 186 9.45 -7.60 8.81
CA GLY B 186 9.77 -6.38 9.52
C GLY B 186 8.54 -5.55 9.85
N GLY B 187 8.76 -4.31 10.26
CA GLY B 187 7.65 -3.46 10.60
C GLY B 187 8.03 -2.44 11.65
N THR B 188 7.02 -1.72 12.15
CA THR B 188 7.27 -0.70 13.14
C THR B 188 6.08 -0.49 14.07
N LEU B 189 6.37 0.06 15.24
CA LEU B 189 5.38 0.32 16.25
C LEU B 189 5.72 1.65 16.81
N LEU B 190 4.79 2.58 16.70
CA LEU B 190 5.00 3.92 17.18
C LEU B 190 3.96 4.23 18.26
N THR B 191 4.43 4.68 19.42
CA THR B 191 3.55 5.05 20.54
C THR B 191 3.87 6.47 20.98
N ASN B 192 2.90 7.19 21.50
CA ASN B 192 3.12 8.56 21.97
C ASN B 192 3.85 8.50 23.32
N ASP B 193 3.81 9.60 24.07
CA ASP B 193 4.47 9.62 25.36
C ASP B 193 3.71 8.86 26.44
N ALA B 194 2.43 8.67 26.21
CA ALA B 194 1.59 7.95 27.15
C ALA B 194 1.70 6.44 26.92
N GLY B 195 2.60 5.99 26.04
CA GLY B 195 2.74 4.57 25.79
C GLY B 195 1.55 3.99 25.03
N GLU B 196 0.74 4.90 24.48
CA GLU B 196 -0.45 4.56 23.72
C GLU B 196 -0.10 4.39 22.25
N MET B 197 -0.72 3.41 21.59
CA MET B 197 -0.43 3.17 20.19
C MET B 197 -0.79 4.34 19.31
N LEU B 198 0.11 4.67 18.41
CA LEU B 198 -0.14 5.75 17.47
C LEU B 198 -0.14 5.18 16.07
N PHE B 199 0.78 4.27 15.80
CA PHE B 199 0.88 3.69 14.48
C PHE B 199 1.38 2.27 14.52
N ALA B 200 1.12 1.53 13.45
CA ALA B 200 1.59 0.17 13.34
C ALA B 200 1.56 -0.25 11.90
N GLU B 201 2.65 -0.84 11.44
CA GLU B 201 2.72 -1.35 10.09
C GLU B 201 3.76 -2.43 10.08
N HIS B 202 3.43 -3.55 9.44
CA HIS B 202 4.36 -4.67 9.34
C HIS B 202 4.34 -5.29 7.93
N HIS B 203 5.36 -6.10 7.62
CA HIS B 203 5.48 -6.71 6.32
C HIS B 203 5.66 -8.20 6.44
N PHE B 204 4.87 -8.98 5.70
CA PHE B 204 4.96 -10.42 5.76
C PHE B 204 5.30 -10.95 4.39
N SER B 205 5.83 -12.16 4.35
CA SER B 205 6.20 -12.76 3.09
C SER B 205 5.70 -14.19 3.02
N ALA B 206 4.78 -14.49 2.13
CA ALA B 206 4.28 -15.85 1.99
C ALA B 206 4.83 -16.31 0.65
N GLY B 207 6.14 -16.54 0.63
CA GLY B 207 6.79 -16.93 -0.60
C GLY B 207 7.09 -15.65 -1.36
N PRO B 208 6.65 -15.56 -2.62
CA PRO B 208 6.93 -14.31 -3.35
C PRO B 208 5.98 -13.19 -2.90
N LEU B 209 4.74 -13.56 -2.59
CA LEU B 209 3.72 -12.62 -2.14
C LEU B 209 4.13 -11.80 -0.91
N GLN B 210 4.03 -10.48 -1.05
CA GLN B 210 4.37 -9.52 0.01
C GLN B 210 3.12 -9.00 0.65
N ILE B 211 3.01 -9.20 1.95
CA ILE B 211 1.85 -8.76 2.70
C ILE B 211 2.16 -7.55 3.56
N THR B 212 1.21 -6.63 3.67
CA THR B 212 1.42 -5.47 4.49
C THR B 212 0.17 -5.17 5.31
N THR B 213 0.34 -5.00 6.62
CA THR B 213 -0.77 -4.67 7.50
C THR B 213 -0.46 -3.28 7.99
N CYS B 214 -1.46 -2.41 7.99
CA CYS B 214 -1.17 -1.04 8.35
C CYS B 214 -2.26 -0.35 9.15
N MET B 215 -1.89 0.25 10.27
CA MET B 215 -2.88 0.94 11.10
C MET B 215 -2.41 2.23 11.78
N HIS B 216 -3.18 3.28 11.63
CA HIS B 216 -2.86 4.54 12.25
C HIS B 216 -4.08 5.03 13.05
N ARG B 217 -3.88 5.35 14.33
CA ARG B 217 -4.98 5.80 15.18
C ARG B 217 -5.32 7.27 15.06
N ARG B 218 -4.53 8.04 14.31
CA ARG B 218 -4.83 9.47 14.14
C ARG B 218 -4.59 9.96 12.71
N ALA B 219 -5.21 9.29 11.75
CA ALA B 219 -5.04 9.62 10.36
C ALA B 219 -6.11 10.58 9.86
N GLY B 220 -6.97 11.04 10.76
CA GLY B 220 -8.02 11.97 10.36
C GLY B 220 -9.02 11.35 9.39
N SER B 221 -9.26 10.06 9.53
CA SER B 221 -10.18 9.37 8.67
C SER B 221 -10.31 7.96 9.17
N GLN B 222 -11.53 7.43 9.13
CA GLN B 222 -11.78 6.06 9.57
C GLN B 222 -12.04 5.26 8.30
N ARG B 223 -10.98 4.77 7.68
CA ARG B 223 -11.13 4.02 6.47
C ARG B 223 -10.50 2.66 6.63
N GLU B 224 -11.00 1.68 5.88
CA GLU B 224 -10.46 0.33 5.91
C GLU B 224 -10.31 -0.08 4.46
N THR B 225 -9.12 -0.51 4.05
CA THR B 225 -8.95 -0.92 2.65
C THR B 225 -8.10 -2.15 2.48
N VAL B 226 -8.27 -2.78 1.33
CA VAL B 226 -7.51 -3.96 1.00
C VAL B 226 -7.10 -3.78 -0.44
N GLN B 227 -5.82 -3.92 -0.74
CA GLN B 227 -5.35 -3.77 -2.10
C GLN B 227 -4.65 -5.04 -2.52
N ALA B 228 -4.98 -5.53 -3.71
CA ALA B 228 -4.36 -6.73 -4.22
C ALA B 228 -3.81 -6.48 -5.62
N VAL B 229 -2.57 -6.91 -5.82
CA VAL B 229 -1.91 -6.79 -7.10
C VAL B 229 -1.62 -8.22 -7.50
N THR B 230 -2.39 -8.75 -8.44
CA THR B 230 -2.21 -10.13 -8.88
C THR B 230 -1.77 -10.14 -10.33
N ASP B 231 -1.58 -11.31 -10.89
CA ASP B 231 -1.18 -11.40 -12.28
C ASP B 231 -2.42 -11.39 -13.17
N GLY B 232 -2.67 -10.24 -13.78
CA GLY B 232 -3.79 -10.04 -14.66
C GLY B 232 -4.87 -9.12 -14.10
N ALA B 233 -4.76 -8.73 -12.84
CA ALA B 233 -5.78 -7.88 -12.25
C ALA B 233 -5.26 -7.01 -11.13
N LEU B 234 -5.98 -5.95 -10.84
CA LEU B 234 -5.60 -5.05 -9.77
C LEU B 234 -6.93 -4.83 -9.04
N ILE B 235 -7.05 -5.32 -7.81
CA ILE B 235 -8.29 -5.20 -7.07
C ILE B 235 -8.21 -4.36 -5.80
N ASP B 236 -9.23 -3.55 -5.53
CA ASP B 236 -9.24 -2.70 -4.32
C ASP B 236 -10.60 -2.80 -3.61
N ILE B 237 -10.61 -2.91 -2.29
CA ILE B 237 -11.87 -2.99 -1.58
C ILE B 237 -11.95 -1.98 -0.45
N THR B 238 -12.92 -1.06 -0.54
CA THR B 238 -13.10 -0.06 0.50
C THR B 238 -14.27 -0.37 1.43
N ASP B 239 -13.99 -0.33 2.74
CA ASP B 239 -14.96 -0.60 3.79
C ASP B 239 -15.80 -1.85 3.63
N MET B 240 -15.21 -2.89 3.07
CA MET B 240 -15.93 -4.14 2.88
C MET B 240 -17.19 -3.94 2.11
N ARG B 241 -17.33 -2.74 1.55
CA ARG B 241 -18.50 -2.37 0.79
C ARG B 241 -18.18 -2.14 -0.70
N GLU B 242 -17.18 -1.31 -1.00
CA GLU B 242 -16.81 -1.04 -2.39
C GLU B 242 -15.81 -2.06 -2.97
N TRP B 243 -15.98 -2.40 -4.24
CA TRP B 243 -15.10 -3.36 -4.90
C TRP B 243 -14.73 -2.87 -6.28
N ARG B 244 -13.47 -2.53 -6.48
CA ARG B 244 -13.02 -2.07 -7.79
C ARG B 244 -11.94 -3.00 -8.32
N GLU B 245 -12.04 -3.35 -9.59
CA GLU B 245 -11.00 -4.18 -10.16
C GLU B 245 -10.63 -3.68 -11.54
N GLU B 246 -9.38 -3.92 -11.94
CA GLU B 246 -8.94 -3.53 -13.26
C GLU B 246 -8.32 -4.76 -13.90
N ARG B 247 -8.92 -5.20 -15.00
CA ARG B 247 -8.43 -6.35 -15.75
C ARG B 247 -8.10 -5.93 -17.19
N GLY B 248 -7.50 -4.76 -17.35
CA GLY B 248 -7.13 -4.31 -18.67
C GLY B 248 -8.24 -3.80 -19.56
N GLN B 249 -9.46 -3.68 -19.03
CA GLN B 249 -10.56 -3.19 -19.85
C GLN B 249 -11.18 -1.95 -19.20
N GLY B 250 -10.47 -1.39 -18.22
CA GLY B 250 -10.97 -0.22 -17.51
C GLY B 250 -11.38 -0.61 -16.11
N VAL B 251 -11.48 0.37 -15.21
CA VAL B 251 -11.86 0.13 -13.81
C VAL B 251 -13.34 -0.24 -13.70
N VAL B 252 -13.61 -1.33 -12.99
CA VAL B 252 -14.96 -1.84 -12.84
C VAL B 252 -15.43 -1.89 -11.39
N HIS B 253 -16.57 -1.26 -11.10
CA HIS B 253 -17.15 -1.27 -9.75
C HIS B 253 -18.20 -2.35 -9.64
N LYS B 254 -17.95 -3.39 -8.87
CA LYS B 254 -18.94 -4.46 -8.69
C LYS B 254 -20.22 -3.85 -8.09
N PRO B 255 -21.39 -4.25 -8.59
CA PRO B 255 -22.66 -3.71 -8.10
C PRO B 255 -22.95 -4.13 -6.66
N ILE B 256 -23.43 -3.19 -5.87
CA ILE B 256 -23.77 -3.47 -4.49
C ILE B 256 -25.25 -3.90 -4.43
N PRO B 257 -25.52 -5.14 -3.97
CA PRO B 257 -26.89 -5.66 -3.88
C PRO B 257 -27.80 -4.63 -3.24
N GLY B 258 -28.84 -4.23 -3.98
CA GLY B 258 -29.79 -3.23 -3.50
C GLY B 258 -30.12 -3.24 -2.01
N TRP B 259 -30.72 -4.35 -1.57
CA TRP B 259 -31.09 -4.48 -0.18
C TRP B 259 -30.16 -5.35 0.63
N GLN B 260 -29.01 -4.78 0.97
CA GLN B 260 -28.05 -5.54 1.76
C GLN B 260 -27.67 -4.70 2.96
N SER B 261 -27.75 -5.31 4.14
CA SER B 261 -27.42 -4.62 5.38
C SER B 261 -25.90 -4.47 5.51
N THR B 262 -25.49 -3.58 6.40
CA THR B 262 -24.08 -3.35 6.64
C THR B 262 -23.59 -4.48 7.54
N LEU B 263 -24.52 -5.07 8.29
CA LEU B 263 -24.17 -6.17 9.18
C LEU B 263 -23.84 -7.42 8.37
N GLU B 264 -24.29 -7.45 7.13
CA GLU B 264 -24.00 -8.58 6.28
C GLU B 264 -22.68 -8.34 5.54
N GLN B 265 -22.42 -7.08 5.19
CA GLN B 265 -21.20 -6.74 4.49
C GLN B 265 -19.96 -6.98 5.36
N ARG B 266 -20.04 -6.66 6.64
CA ARG B 266 -18.88 -6.82 7.53
C ARG B 266 -18.64 -8.27 7.89
N GLY B 267 -19.51 -9.16 7.44
CA GLY B 267 -19.32 -10.57 7.77
C GLY B 267 -19.94 -11.05 9.07
N PHE B 268 -20.72 -10.20 9.73
CA PHE B 268 -21.34 -10.58 10.99
C PHE B 268 -22.30 -11.75 10.83
N VAL B 269 -23.26 -11.59 9.93
CA VAL B 269 -24.24 -12.61 9.66
C VAL B 269 -23.58 -13.96 9.35
N GLY B 270 -22.79 -13.99 8.27
CA GLY B 270 -22.13 -15.22 7.87
C GLY B 270 -21.34 -15.88 8.97
N CYS B 271 -20.91 -15.09 9.94
CA CYS B 271 -20.12 -15.63 11.06
C CYS B 271 -21.07 -16.35 12.02
N ALA B 272 -22.17 -15.70 12.37
CA ALA B 272 -23.16 -16.28 13.25
C ALA B 272 -23.64 -17.61 12.64
N ARG B 273 -24.14 -17.55 11.42
CA ARG B 273 -24.63 -18.72 10.71
C ARG B 273 -23.61 -19.86 10.71
N HIS B 274 -22.36 -19.55 10.40
CA HIS B 274 -21.36 -20.60 10.37
C HIS B 274 -21.14 -21.17 11.76
N PHE B 275 -21.46 -20.38 12.77
CA PHE B 275 -21.31 -20.85 14.13
C PHE B 275 -22.45 -21.82 14.39
N ILE B 276 -23.68 -21.35 14.17
CA ILE B 276 -24.88 -22.16 14.36
C ILE B 276 -24.85 -23.47 13.59
N GLU B 277 -24.29 -23.45 12.39
CA GLU B 277 -24.21 -24.65 11.59
C GLU B 277 -23.22 -25.65 12.14
N CYS B 278 -22.08 -25.18 12.63
CA CYS B 278 -21.12 -26.12 13.14
C CYS B 278 -21.64 -26.86 14.35
N VAL B 279 -22.46 -26.19 15.16
CA VAL B 279 -23.01 -26.82 16.36
C VAL B 279 -23.78 -28.05 15.92
N GLN B 280 -24.85 -27.84 15.15
CA GLN B 280 -25.67 -28.94 14.69
C GLN B 280 -24.92 -30.01 13.94
N ASN B 281 -24.23 -29.62 12.87
CA ASN B 281 -23.47 -30.60 12.09
C ASN B 281 -22.30 -31.13 12.90
N GLN B 282 -22.05 -30.52 14.05
CA GLN B 282 -20.96 -30.95 14.91
C GLN B 282 -19.63 -30.98 14.15
N THR B 283 -19.32 -29.88 13.49
CA THR B 283 -18.09 -29.79 12.72
C THR B 283 -17.14 -28.74 13.30
N VAL B 284 -15.86 -28.80 12.93
CA VAL B 284 -14.86 -27.84 13.43
C VAL B 284 -14.99 -26.45 12.75
N PRO B 285 -15.24 -25.38 13.55
CA PRO B 285 -15.39 -24.02 13.00
C PRO B 285 -14.16 -23.58 12.22
N GLN B 286 -14.33 -22.58 11.35
CA GLN B 286 -13.21 -22.09 10.55
C GLN B 286 -12.18 -21.39 11.43
N THR B 287 -12.63 -20.82 12.54
CA THR B 287 -11.72 -20.11 13.44
C THR B 287 -11.65 -20.75 14.82
N ALA B 288 -11.35 -22.05 14.87
CA ALA B 288 -11.27 -22.73 16.16
C ALA B 288 -9.96 -23.47 16.29
N GLY B 289 -9.58 -23.78 17.53
CA GLY B 289 -8.32 -24.47 17.75
C GLY B 289 -7.16 -23.57 17.35
N GLU B 290 -6.34 -24.04 16.42
CA GLU B 290 -5.17 -23.30 15.96
C GLU B 290 -5.53 -21.98 15.28
N GLN B 291 -6.62 -22.00 14.53
CA GLN B 291 -7.04 -20.81 13.82
C GLN B 291 -7.58 -19.74 14.74
N ALA B 292 -7.63 -20.03 16.03
CA ALA B 292 -8.18 -19.05 16.96
C ALA B 292 -7.11 -18.25 17.67
N VAL B 293 -5.90 -18.77 17.71
CA VAL B 293 -4.82 -18.08 18.40
C VAL B 293 -3.67 -17.74 17.46
N LEU B 294 -3.80 -18.11 16.20
CA LEU B 294 -2.80 -17.87 15.18
C LEU B 294 -2.27 -16.45 15.18
N ALA B 295 -3.04 -15.54 14.60
CA ALA B 295 -2.64 -14.14 14.51
C ALA B 295 -2.24 -13.57 15.86
N GLN B 296 -2.88 -14.04 16.94
CA GLN B 296 -2.56 -13.57 18.28
C GLN B 296 -1.14 -13.95 18.64
N ARG B 297 -0.71 -15.09 18.14
CA ARG B 297 0.63 -15.56 18.42
C ARG B 297 1.63 -14.60 17.74
N ILE B 298 1.24 -14.08 16.58
CA ILE B 298 2.06 -13.16 15.81
C ILE B 298 2.08 -11.80 16.49
N VAL B 299 0.89 -11.29 16.79
CA VAL B 299 0.78 -10.00 17.43
C VAL B 299 1.68 -10.00 18.65
N ASP B 300 1.69 -11.13 19.35
CA ASP B 300 2.48 -11.29 20.55
C ASP B 300 3.98 -11.25 20.27
N LYS B 301 4.39 -11.93 19.19
CA LYS B 301 5.78 -12.01 18.75
C LYS B 301 6.33 -10.59 18.53
N ILE B 302 5.50 -9.75 17.92
CA ILE B 302 5.87 -8.38 17.66
C ILE B 302 6.09 -7.69 19.01
N TRP B 303 5.03 -7.55 19.78
CA TRP B 303 5.11 -6.88 21.08
C TRP B 303 6.32 -7.35 21.89
N ARG B 304 6.56 -8.65 21.90
CA ARG B 304 7.70 -9.19 22.64
C ARG B 304 9.02 -8.54 22.17
N ASP B 305 9.04 -7.98 20.96
CA ASP B 305 10.26 -7.35 20.47
C ASP B 305 10.22 -5.84 20.70
N ALA B 306 9.11 -5.22 20.29
CA ALA B 306 8.93 -3.79 20.46
C ALA B 306 8.91 -3.40 21.94
N MET B 307 9.22 -4.34 22.83
CA MET B 307 9.24 -4.03 24.26
C MET B 307 10.55 -4.51 24.89
N SER B 308 11.59 -4.60 24.07
CA SER B 308 12.90 -5.05 24.54
C SER B 308 14.00 -4.10 24.01
N GLU B 309 13.73 -3.48 22.87
CA GLU B 309 14.66 -2.53 22.27
C GLU B 309 14.60 -1.17 22.98
S SO4 C . 0.53 -1.61 -21.12
O1 SO4 C . 0.55 -1.33 -19.67
O2 SO4 C . -0.19 -0.51 -21.83
O3 SO4 C . 1.92 -1.68 -21.61
O4 SO4 C . -0.18 -2.89 -21.37
S SO4 D . 6.52 9.27 -17.59
O1 SO4 D . 6.29 7.83 -17.24
O2 SO4 D . 6.82 9.38 -19.04
O3 SO4 D . 5.30 10.06 -17.28
O4 SO4 D . 7.67 9.77 -16.80
S SO4 E . 17.80 -6.08 -23.48
O1 SO4 E . 17.38 -4.88 -22.69
O2 SO4 E . 17.89 -7.27 -22.58
O3 SO4 E . 16.79 -6.36 -24.56
O4 SO4 E . 19.14 -5.79 -24.10
S SO4 F . -1.87 18.54 -22.66
O1 SO4 F . -0.51 19.06 -22.25
O2 SO4 F . -1.69 17.50 -23.70
O3 SO4 F . -2.53 17.94 -21.46
O4 SO4 F . -2.70 19.65 -23.20
S SO4 G . -12.61 7.61 15.14
O1 SO4 G . -11.52 8.50 15.55
O2 SO4 G . -12.31 7.01 13.81
O3 SO4 G . -12.76 6.50 16.12
O4 SO4 G . -13.87 8.39 15.02
S SO4 H . -15.97 -4.34 13.02
O1 SO4 H . -16.33 -3.99 14.44
O2 SO4 H . -14.89 -3.41 12.56
O3 SO4 H . -15.42 -5.73 12.99
O4 SO4 H . -17.15 -4.22 12.12
S SO4 I . 0.09 12.77 21.55
O1 SO4 I . -1.09 11.98 22.01
O2 SO4 I . 1.07 12.93 22.67
O3 SO4 I . 0.77 12.08 20.42
O4 SO4 I . -0.38 14.12 21.11
S SO4 J . -3.78 0.62 30.42
O1 SO4 J . -5.11 1.20 30.88
O2 SO4 J . -3.19 -0.29 31.47
O3 SO4 J . -4.03 -0.20 29.16
O4 SO4 J . -2.83 1.74 30.15
#